data_2VO1
#
_entry.id   2VO1
#
_cell.length_a   98.420
_cell.length_b   98.420
_cell.length_c   120.570
_cell.angle_alpha   90.00
_cell.angle_beta   90.00
_cell.angle_gamma   90.00
#
_symmetry.space_group_name_H-M   'P 41 21 2'
#
loop_
_entity.id
_entity.type
_entity.pdbx_description
1 polymer 'CTP SYNTHASE 1'
2 non-polymer 'SULFATE ION'
3 water water
#
_entity_poly.entity_id   1
_entity_poly.type   'polypeptide(L)'
_entity_poly.pdbx_seq_one_letter_code
;MHHHHHHSSGVDLGTENLYFQSMKYILVTGGVISGIGKGIIASSVGTILKSCGLHVTSIKIDPYINIDAGTFSPYEHGEV
FVLDDGGEVDLDLGNYERFLDIRLTKDNNLTTGKIYQYVINKERKGDYLGKTVQVVPHITDAIQEWVMRQALIPVDEDGL
EPQVCVIELGGTVGDIESMPFIEAFRQFQFKVKRENFCNIHVSLVPQPSSTGEQKTKPTQNSVRELRGLGLSPDLVVCRC
SNPLDTSVKEKISMFCHVEPEQVICVHDVSSIYRVPLLLEEQGVVDYFLRRLDLP
;
_entity_poly.pdbx_strand_id   A,B
#
# COMPACT_ATOMS: atom_id res chain seq x y z
N GLN A 21 0.69 5.09 -28.07
CA GLN A 21 0.77 4.93 -26.57
C GLN A 21 -0.59 4.60 -25.92
N SER A 22 -0.54 3.95 -24.76
CA SER A 22 -1.73 3.36 -24.14
C SER A 22 -2.42 4.27 -23.12
N MET A 23 -3.73 4.10 -22.94
CA MET A 23 -4.55 4.98 -22.12
C MET A 23 -3.94 5.25 -20.74
N LYS A 24 -4.02 6.50 -20.29
CA LYS A 24 -3.50 6.92 -19.00
C LYS A 24 -4.68 7.33 -18.09
N TYR A 25 -4.67 6.88 -16.84
CA TYR A 25 -5.79 7.06 -15.95
C TYR A 25 -5.42 7.85 -14.70
N ILE A 26 -6.21 8.89 -14.40
CA ILE A 26 -6.07 9.67 -13.18
C ILE A 26 -7.33 9.50 -12.35
N LEU A 27 -7.21 8.84 -11.20
CA LEU A 27 -8.38 8.60 -10.32
C LEU A 27 -8.37 9.59 -9.17
N VAL A 28 -9.41 10.43 -9.08
CA VAL A 28 -9.57 11.34 -7.93
C VAL A 28 -10.50 10.77 -6.87
N THR A 29 -10.01 10.64 -5.64
CA THR A 29 -10.80 10.11 -4.50
C THR A 29 -10.83 11.12 -3.34
N GLY A 30 -11.87 11.05 -2.53
CA GLY A 30 -12.01 11.96 -1.38
C GLY A 30 -11.90 11.25 -0.03
N GLY A 31 -11.37 11.95 0.97
CA GLY A 31 -11.32 11.46 2.33
C GLY A 31 -11.74 12.47 3.39
N VAL A 32 -12.03 11.95 4.59
CA VAL A 32 -12.32 12.72 5.80
C VAL A 32 -13.74 13.30 5.82
N ILE A 33 -14.04 14.16 4.86
CA ILE A 33 -15.38 14.72 4.70
C ILE A 33 -15.78 14.71 3.23
N SER A 34 -17.07 14.61 2.98
CA SER A 34 -17.64 14.92 1.66
C SER A 34 -17.62 16.44 1.43
N GLY A 35 -17.69 16.83 0.17
CA GLY A 35 -17.71 18.25 -0.17
C GLY A 35 -16.34 18.84 -0.01
N ILE A 36 -15.32 17.99 -0.07
CA ILE A 36 -13.95 18.40 0.20
C ILE A 36 -13.34 19.06 -1.03
N GLY A 37 -14.00 18.89 -2.18
CA GLY A 37 -13.60 19.55 -3.41
C GLY A 37 -13.03 18.63 -4.46
N LYS A 38 -13.46 17.35 -4.45
CA LYS A 38 -13.06 16.36 -5.47
C LYS A 38 -13.34 16.87 -6.89
N GLY A 39 -14.60 17.20 -7.14
CA GLY A 39 -15.07 17.63 -8.44
C GLY A 39 -14.26 18.76 -9.01
N ILE A 40 -14.01 19.78 -8.20
CA ILE A 40 -13.20 20.93 -8.63
C ILE A 40 -11.77 20.48 -8.99
N ILE A 41 -11.15 19.71 -8.11
CA ILE A 41 -9.82 19.15 -8.40
C ILE A 41 -9.85 18.34 -9.70
N ALA A 42 -10.79 17.41 -9.80
CA ALA A 42 -10.93 16.59 -10.99
C ALA A 42 -10.99 17.47 -12.26
N SER A 43 -11.79 18.52 -12.21
CA SER A 43 -11.94 19.43 -13.34
C SER A 43 -10.67 20.19 -13.64
N SER A 44 -9.98 20.61 -12.58
CA SER A 44 -8.75 21.38 -12.73
C SER A 44 -7.64 20.51 -13.34
N VAL A 45 -7.53 19.25 -12.91
CA VAL A 45 -6.57 18.32 -13.53
C VAL A 45 -6.91 18.16 -15.02
N GLY A 46 -8.20 18.04 -15.33
CA GLY A 46 -8.63 17.98 -16.72
C GLY A 46 -8.24 19.21 -17.51
N THR A 47 -8.48 20.39 -16.92
CA THR A 47 -8.17 21.66 -17.58
C THR A 47 -6.68 21.81 -17.82
N ILE A 48 -5.88 21.68 -16.76
CA ILE A 48 -4.43 21.89 -16.86
C ILE A 48 -3.74 20.89 -17.80
N LEU A 49 -4.18 19.64 -17.83
CA LEU A 49 -3.65 18.69 -18.81
C LEU A 49 -4.05 19.11 -20.23
N LYS A 50 -5.34 19.32 -20.45
CA LYS A 50 -5.87 19.84 -21.72
C LYS A 50 -5.12 21.06 -22.23
N SER A 51 -4.71 21.90 -21.29
CA SER A 51 -3.96 23.09 -21.61
C SER A 51 -2.63 22.74 -22.31
N CYS A 52 -2.02 21.61 -21.95
CA CYS A 52 -0.85 21.06 -22.66
C CYS A 52 -1.15 20.49 -24.04
N GLY A 53 -2.40 20.51 -24.46
CA GLY A 53 -2.77 19.97 -25.76
C GLY A 53 -2.85 18.46 -25.77
N LEU A 54 -2.96 17.86 -24.59
CA LEU A 54 -3.32 16.47 -24.48
C LEU A 54 -4.82 16.36 -24.78
N HIS A 55 -5.25 15.23 -25.32
CA HIS A 55 -6.67 14.94 -25.52
C HIS A 55 -7.15 14.18 -24.29
N VAL A 56 -7.78 14.90 -23.37
CA VAL A 56 -8.21 14.37 -22.08
C VAL A 56 -9.70 14.07 -22.07
N THR A 57 -10.10 12.98 -21.43
CA THR A 57 -11.52 12.65 -21.25
C THR A 57 -11.87 12.56 -19.76
N SER A 58 -13.16 12.65 -19.45
CA SER A 58 -13.62 12.69 -18.06
C SER A 58 -14.74 11.70 -17.77
N ILE A 59 -14.59 10.99 -16.65
CA ILE A 59 -15.58 10.03 -16.18
C ILE A 59 -15.98 10.36 -14.74
N LYS A 60 -17.27 10.45 -14.50
CA LYS A 60 -17.81 10.65 -13.17
C LYS A 60 -18.44 9.35 -12.68
N ILE A 61 -18.20 9.01 -11.43
CA ILE A 61 -18.84 7.85 -10.80
C ILE A 61 -19.54 8.32 -9.53
N ASP A 62 -20.87 8.22 -9.52
CA ASP A 62 -21.64 8.52 -8.32
C ASP A 62 -22.04 7.22 -7.64
N PRO A 63 -21.60 7.01 -6.38
CA PRO A 63 -21.88 5.74 -5.76
C PRO A 63 -23.30 5.65 -5.19
N TYR A 64 -24.28 6.13 -5.96
CA TYR A 64 -25.68 6.16 -5.53
C TYR A 64 -26.51 5.25 -6.43
N ILE A 65 -27.74 4.97 -6.03
CA ILE A 65 -28.52 3.93 -6.68
C ILE A 65 -29.23 4.44 -7.93
N ASN A 66 -29.20 5.75 -8.16
CA ASN A 66 -29.97 6.34 -9.25
C ASN A 66 -29.43 5.89 -10.62
N ILE A 67 -30.35 5.54 -11.53
CA ILE A 67 -30.02 4.91 -12.81
C ILE A 67 -30.22 5.90 -13.97
N ASP A 107 -23.46 8.51 -21.73
CA ASP A 107 -22.52 8.90 -20.67
C ASP A 107 -21.96 7.62 -20.05
N ASN A 108 -20.75 7.60 -19.48
CA ASN A 108 -19.90 8.75 -19.05
C ASN A 108 -20.18 9.23 -17.60
N ASN A 109 -21.27 8.71 -17.02
CA ASN A 109 -21.59 8.89 -15.61
C ASN A 109 -22.09 7.54 -15.06
N LEU A 110 -21.17 6.73 -14.41
CA LEU A 110 -21.54 5.47 -13.80
C LEU A 110 -22.20 5.75 -12.46
N THR A 111 -23.12 4.87 -12.07
CA THR A 111 -23.75 4.90 -10.76
C THR A 111 -23.90 3.48 -10.27
N THR A 112 -24.08 3.30 -8.96
CA THR A 112 -24.23 1.97 -8.38
C THR A 112 -25.42 1.20 -9.00
N GLY A 113 -26.59 1.83 -9.07
CA GLY A 113 -27.76 1.16 -9.62
C GLY A 113 -27.57 0.80 -11.07
N LYS A 114 -26.89 1.66 -11.81
CA LYS A 114 -26.56 1.38 -13.19
C LYS A 114 -25.71 0.10 -13.31
N ILE A 115 -24.70 -0.02 -12.45
CA ILE A 115 -23.85 -1.20 -12.45
C ILE A 115 -24.54 -2.47 -11.95
N TYR A 116 -25.28 -2.36 -10.85
CA TYR A 116 -25.97 -3.53 -10.30
C TYR A 116 -27.01 -4.03 -11.28
N GLN A 117 -27.85 -3.14 -11.78
CA GLN A 117 -28.85 -3.53 -12.78
C GLN A 117 -28.20 -4.25 -13.97
N TYR A 118 -27.03 -3.77 -14.40
CA TYR A 118 -26.27 -4.40 -15.49
C TYR A 118 -25.95 -5.86 -15.16
N VAL A 119 -25.23 -6.06 -14.06
CA VAL A 119 -24.90 -7.41 -13.62
C VAL A 119 -26.17 -8.22 -13.28
N ILE A 120 -27.13 -7.61 -12.60
CA ILE A 120 -28.43 -8.30 -12.34
C ILE A 120 -29.02 -8.90 -13.64
N ASN A 121 -29.17 -8.06 -14.66
CA ASN A 121 -29.73 -8.46 -15.95
C ASN A 121 -28.95 -9.60 -16.61
N LYS A 122 -27.63 -9.46 -16.66
CA LYS A 122 -26.74 -10.47 -17.21
C LYS A 122 -26.97 -11.83 -16.56
N GLU A 123 -27.06 -11.84 -15.24
CA GLU A 123 -27.21 -13.09 -14.50
C GLU A 123 -28.56 -13.70 -14.81
N ARG A 124 -29.60 -12.87 -14.76
CA ARG A 124 -30.94 -13.27 -15.15
C ARG A 124 -30.98 -13.90 -16.54
N LYS A 125 -30.15 -13.41 -17.46
CA LYS A 125 -30.08 -13.98 -18.82
C LYS A 125 -29.00 -15.05 -19.00
N GLY A 126 -28.43 -15.57 -17.90
CA GLY A 126 -27.52 -16.72 -17.94
C GLY A 126 -26.04 -16.48 -18.24
N ASP A 127 -25.65 -15.22 -18.38
CA ASP A 127 -24.30 -14.84 -18.83
C ASP A 127 -23.15 -15.32 -17.93
N TYR A 128 -23.45 -15.62 -16.67
CA TYR A 128 -22.43 -16.12 -15.75
C TYR A 128 -22.46 -17.64 -15.64
N LEU A 129 -23.10 -18.30 -16.61
CA LEU A 129 -23.09 -19.77 -16.70
C LEU A 129 -23.49 -20.46 -15.38
N GLY A 130 -24.64 -20.03 -14.84
CA GLY A 130 -25.18 -20.59 -13.61
C GLY A 130 -24.31 -20.56 -12.36
N LYS A 131 -23.28 -19.71 -12.32
CA LYS A 131 -22.38 -19.67 -11.17
C LYS A 131 -22.87 -18.60 -10.21
N THR A 132 -22.37 -18.60 -8.98
CA THR A 132 -22.82 -17.63 -8.01
C THR A 132 -22.23 -16.29 -8.44
N VAL A 133 -23.05 -15.24 -8.40
CA VAL A 133 -22.63 -13.91 -8.83
C VAL A 133 -22.53 -12.96 -7.62
N GLN A 134 -21.40 -12.25 -7.52
CA GLN A 134 -20.98 -11.56 -6.31
C GLN A 134 -20.47 -10.16 -6.55
N VAL A 135 -20.51 -9.33 -5.53
CA VAL A 135 -19.91 -8.00 -5.60
C VAL A 135 -18.53 -8.14 -6.18
N VAL A 136 -17.73 -9.01 -5.57
CA VAL A 136 -16.37 -9.30 -6.05
C VAL A 136 -16.35 -10.77 -6.47
N PRO A 137 -16.01 -11.07 -7.73
CA PRO A 137 -15.47 -10.22 -8.79
C PRO A 137 -16.49 -9.57 -9.73
N HIS A 138 -17.78 -9.88 -9.59
CA HIS A 138 -18.70 -9.56 -10.68
C HIS A 138 -19.13 -8.10 -10.81
N ILE A 139 -19.39 -7.45 -9.70
CA ILE A 139 -19.66 -6.03 -9.77
C ILE A 139 -18.37 -5.30 -10.10
N THR A 140 -17.27 -5.69 -9.47
CA THR A 140 -15.99 -5.02 -9.69
C THR A 140 -15.52 -5.22 -11.13
N ASP A 141 -15.81 -6.37 -11.74
CA ASP A 141 -15.56 -6.57 -13.17
C ASP A 141 -16.34 -5.57 -14.01
N ALA A 142 -17.61 -5.38 -13.71
CA ALA A 142 -18.45 -4.44 -14.43
C ALA A 142 -17.93 -3.00 -14.35
N ILE A 143 -17.40 -2.61 -13.19
CA ILE A 143 -16.94 -1.23 -12.99
C ILE A 143 -15.71 -0.95 -13.86
N GLN A 144 -14.85 -1.97 -13.98
CA GLN A 144 -13.62 -1.88 -14.74
C GLN A 144 -13.90 -1.90 -16.24
N GLU A 145 -14.84 -2.76 -16.63
CA GLU A 145 -15.29 -2.85 -18.01
C GLU A 145 -15.81 -1.51 -18.52
N TRP A 146 -16.63 -0.87 -17.68
CA TRP A 146 -17.26 0.38 -18.01
C TRP A 146 -16.22 1.49 -18.16
N VAL A 147 -15.34 1.61 -17.17
CA VAL A 147 -14.26 2.59 -17.23
C VAL A 147 -13.40 2.41 -18.49
N MET A 148 -13.08 1.17 -18.82
CA MET A 148 -12.31 0.88 -20.00
C MET A 148 -12.99 1.44 -21.27
N ARG A 149 -14.29 1.18 -21.40
CA ARG A 149 -15.06 1.52 -22.61
C ARG A 149 -15.23 3.01 -22.80
N GLN A 150 -15.67 3.69 -21.75
CA GLN A 150 -15.83 5.14 -21.79
C GLN A 150 -14.50 5.84 -22.08
N ALA A 151 -13.47 5.50 -21.31
CA ALA A 151 -12.16 6.07 -21.51
C ALA A 151 -11.77 6.10 -22.98
N LEU A 152 -12.17 5.06 -23.74
CA LEU A 152 -11.79 4.97 -25.16
C LEU A 152 -12.53 5.92 -26.13
N ILE A 153 -13.73 6.36 -25.75
CA ILE A 153 -14.57 7.15 -26.67
C ILE A 153 -13.97 8.53 -26.94
N PRO A 154 -13.94 8.97 -28.21
CA PRO A 154 -13.39 10.30 -28.51
C PRO A 154 -14.22 11.46 -27.96
N VAL A 155 -13.59 12.62 -27.88
CA VAL A 155 -14.12 13.81 -27.20
C VAL A 155 -13.39 15.01 -27.80
N ASP A 156 -13.32 15.05 -29.14
CA ASP A 156 -12.27 15.81 -29.82
C ASP A 156 -12.64 16.51 -31.12
N GLU A 157 -11.72 17.33 -31.60
CA GLU A 157 -11.80 17.93 -32.94
C GLU A 157 -11.94 16.87 -34.04
N ASP A 158 -11.26 15.72 -33.88
CA ASP A 158 -11.50 14.53 -34.73
C ASP A 158 -10.99 13.26 -34.06
N GLY A 159 -11.58 12.13 -34.46
CA GLY A 159 -11.77 10.97 -33.57
C GLY A 159 -10.63 10.02 -33.25
N LEU A 160 -9.65 10.51 -32.52
CA LEU A 160 -8.63 9.66 -31.91
C LEU A 160 -9.00 9.31 -30.46
N GLU A 161 -8.46 8.21 -29.97
CA GLU A 161 -8.69 7.83 -28.57
C GLU A 161 -8.11 8.91 -27.68
N PRO A 162 -8.79 9.23 -26.58
CA PRO A 162 -8.21 10.11 -25.58
C PRO A 162 -6.88 9.61 -25.05
N GLN A 163 -6.02 10.53 -24.63
CA GLN A 163 -4.71 10.18 -24.10
C GLN A 163 -4.76 9.98 -22.60
N VAL A 164 -5.66 10.70 -21.93
CA VAL A 164 -5.80 10.64 -20.47
C VAL A 164 -7.28 10.64 -20.13
N CYS A 165 -7.65 9.95 -19.06
CA CYS A 165 -9.03 9.91 -18.61
C CYS A 165 -9.05 10.20 -17.12
N VAL A 166 -9.63 11.33 -16.73
CA VAL A 166 -9.73 11.66 -15.30
C VAL A 166 -11.04 11.09 -14.71
N ILE A 167 -10.89 10.25 -13.68
CA ILE A 167 -12.01 9.58 -13.07
C ILE A 167 -12.29 10.24 -11.73
N GLU A 168 -13.48 10.81 -11.59
CA GLU A 168 -13.97 11.33 -10.32
C GLU A 168 -14.86 10.31 -9.63
N LEU A 169 -14.39 9.79 -8.51
CA LEU A 169 -15.15 8.85 -7.71
C LEU A 169 -15.86 9.62 -6.61
N GLY A 170 -17.19 9.59 -6.61
CA GLY A 170 -17.94 10.20 -5.53
C GLY A 170 -17.79 9.43 -4.22
N GLY A 171 -18.34 10.02 -3.17
CA GLY A 171 -18.32 9.39 -1.85
C GLY A 171 -17.02 9.72 -1.16
N THR A 172 -16.80 9.09 -0.01
CA THR A 172 -15.62 9.34 0.81
C THR A 172 -15.00 7.98 1.12
N VAL A 173 -13.69 7.88 0.96
CA VAL A 173 -13.01 6.64 1.24
C VAL A 173 -13.40 6.21 2.65
N GLY A 174 -13.86 4.97 2.78
CA GLY A 174 -14.29 4.41 4.07
C GLY A 174 -15.78 4.15 4.11
N ASP A 175 -16.54 4.89 3.29
CA ASP A 175 -17.98 4.71 3.19
C ASP A 175 -18.30 3.36 2.57
N ILE A 176 -19.37 2.72 3.07
CA ILE A 176 -19.88 1.46 2.51
C ILE A 176 -20.17 1.60 1.02
N GLU A 177 -20.83 2.69 0.64
N GLU A 177 -20.83 2.70 0.64
CA GLU A 177 -21.25 2.88 -0.76
CA GLU A 177 -21.23 2.93 -0.76
C GLU A 177 -20.09 2.93 -1.77
C GLU A 177 -20.05 2.83 -1.73
N SER A 178 -18.90 3.35 -1.32
CA SER A 178 -17.73 3.46 -2.21
C SER A 178 -16.81 2.23 -2.21
N MET A 179 -17.08 1.25 -1.34
CA MET A 179 -16.22 0.05 -1.20
C MET A 179 -16.07 -0.76 -2.50
N PRO A 180 -17.19 -1.08 -3.17
CA PRO A 180 -17.04 -1.74 -4.47
C PRO A 180 -16.11 -1.00 -5.45
N PHE A 181 -16.11 0.33 -5.40
CA PHE A 181 -15.40 1.10 -6.39
C PHE A 181 -13.91 1.12 -6.12
N ILE A 182 -13.54 1.42 -4.87
CA ILE A 182 -12.16 1.35 -4.45
C ILE A 182 -11.59 0.00 -4.83
N GLU A 183 -12.34 -1.06 -4.59
CA GLU A 183 -11.87 -2.43 -4.90
C GLU A 183 -11.76 -2.60 -6.39
N ALA A 184 -12.75 -2.13 -7.12
CA ALA A 184 -12.70 -2.13 -8.57
C ALA A 184 -11.35 -1.59 -9.05
N PHE A 185 -10.96 -0.44 -8.50
CA PHE A 185 -9.77 0.28 -8.95
C PHE A 185 -8.51 -0.27 -8.33
N ARG A 186 -8.62 -0.92 -7.19
CA ARG A 186 -7.47 -1.64 -6.65
C ARG A 186 -6.97 -2.70 -7.65
N GLN A 187 -7.91 -3.34 -8.34
CA GLN A 187 -7.59 -4.41 -9.27
C GLN A 187 -7.20 -3.82 -10.61
N PHE A 188 -7.92 -2.75 -10.99
CA PHE A 188 -7.73 -2.06 -12.26
C PHE A 188 -6.30 -1.53 -12.43
N GLN A 189 -5.68 -1.10 -11.33
CA GLN A 189 -4.32 -0.56 -11.39
C GLN A 189 -3.29 -1.60 -11.80
N PHE A 190 -3.59 -2.87 -11.57
CA PHE A 190 -2.71 -3.98 -11.99
C PHE A 190 -3.04 -4.48 -13.39
N LYS A 191 -4.32 -4.44 -13.77
CA LYS A 191 -4.71 -4.80 -15.13
C LYS A 191 -4.05 -3.85 -16.13
N VAL A 192 -4.51 -2.61 -16.17
CA VAL A 192 -3.78 -1.53 -16.83
C VAL A 192 -2.57 -1.33 -15.93
N LYS A 193 -1.36 -1.26 -16.46
CA LYS A 193 -0.19 -1.29 -15.56
C LYS A 193 -0.07 0.00 -14.72
N ARG A 194 0.60 -0.08 -13.58
CA ARG A 194 0.72 1.09 -12.67
C ARG A 194 1.43 2.29 -13.30
N GLU A 195 2.28 2.03 -14.29
CA GLU A 195 2.79 3.10 -15.16
C GLU A 195 1.65 3.95 -15.79
N ASN A 196 0.50 3.32 -16.08
CA ASN A 196 -0.62 4.04 -16.70
C ASN A 196 -1.76 4.34 -15.74
N PHE A 197 -1.52 4.16 -14.45
CA PHE A 197 -2.54 4.42 -13.46
C PHE A 197 -1.98 5.29 -12.39
N CYS A 198 -2.84 6.08 -11.78
CA CYS A 198 -2.42 7.23 -11.01
C CYS A 198 -3.58 7.71 -10.15
N ASN A 199 -3.37 7.82 -8.85
CA ASN A 199 -4.44 8.13 -7.90
C ASN A 199 -4.13 9.40 -7.13
N ILE A 200 -5.06 10.34 -7.16
CA ILE A 200 -5.01 11.57 -6.37
C ILE A 200 -6.01 11.42 -5.23
N HIS A 201 -5.57 11.67 -4.00
CA HIS A 201 -6.48 11.61 -2.86
C HIS A 201 -6.64 13.01 -2.21
N VAL A 202 -7.87 13.54 -2.25
CA VAL A 202 -8.19 14.84 -1.68
C VAL A 202 -8.59 14.64 -0.22
N SER A 203 -7.91 15.35 0.69
CA SER A 203 -8.16 15.22 2.14
C SER A 203 -8.21 16.59 2.79
N LEU A 204 -8.67 16.63 4.05
CA LEU A 204 -8.86 17.87 4.78
C LEU A 204 -7.78 18.04 5.84
N VAL A 205 -7.24 19.24 5.92
CA VAL A 205 -6.27 19.55 6.95
C VAL A 205 -6.83 20.69 7.80
N PRO A 206 -7.56 20.35 8.88
CA PRO A 206 -8.17 21.34 9.76
C PRO A 206 -7.13 22.26 10.34
N GLN A 207 -7.51 23.53 10.56
CA GLN A 207 -6.61 24.47 11.24
C GLN A 207 -7.32 25.23 12.37
N PRO A 208 -7.38 24.63 13.57
CA PRO A 208 -8.04 25.29 14.69
C PRO A 208 -7.29 26.51 15.20
N SER A 209 -8.02 27.50 15.70
CA SER A 209 -7.40 28.68 16.32
C SER A 209 -6.69 28.27 17.62
N SER A 210 -7.28 27.28 18.31
CA SER A 210 -6.59 26.48 19.35
C SER A 210 -5.54 25.56 18.70
N GLY A 212 -3.43 27.33 16.48
CA GLY A 212 -2.50 27.81 15.47
C GLY A 212 -2.01 26.74 14.50
N GLU A 213 -1.95 25.49 14.96
CA GLU A 213 -1.28 24.42 14.20
C GLU A 213 -2.17 23.66 13.20
N GLN A 214 -1.57 23.32 12.05
CA GLN A 214 -2.27 22.64 10.94
C GLN A 214 -2.28 21.13 11.17
N LYS A 215 -3.46 20.54 11.23
CA LYS A 215 -3.57 19.15 11.67
C LYS A 215 -3.47 18.16 10.52
N THR A 216 -2.55 17.18 10.64
CA THR A 216 -2.38 16.13 9.63
C THR A 216 -3.01 14.75 9.96
N LYS A 217 -3.56 14.59 11.16
CA LYS A 217 -4.10 13.28 11.59
C LYS A 217 -5.11 12.73 10.60
N PRO A 218 -6.13 13.53 10.25
CA PRO A 218 -7.17 13.03 9.38
C PRO A 218 -6.64 12.50 8.06
N THR A 219 -5.63 13.19 7.51
CA THR A 219 -5.02 12.77 6.26
C THR A 219 -4.28 11.46 6.50
N GLN A 220 -3.51 11.42 7.58
CA GLN A 220 -2.78 10.21 7.93
C GLN A 220 -3.73 8.99 8.02
N ASN A 221 -4.82 9.16 8.76
CA ASN A 221 -5.79 8.09 8.92
C ASN A 221 -6.46 7.72 7.60
N SER A 222 -6.81 8.71 6.80
CA SER A 222 -7.52 8.47 5.55
C SER A 222 -6.64 7.75 4.52
N VAL A 223 -5.36 8.10 4.48
CA VAL A 223 -4.41 7.44 3.58
C VAL A 223 -3.98 6.04 4.08
N ARG A 224 -3.99 5.82 5.39
CA ARG A 224 -3.81 4.47 5.94
C ARG A 224 -4.96 3.59 5.44
N GLU A 225 -6.17 4.11 5.54
CA GLU A 225 -7.40 3.42 5.15
C GLU A 225 -7.34 3.10 3.66
N LEU A 226 -7.09 4.11 2.83
CA LEU A 226 -6.99 3.90 1.39
C LEU A 226 -5.92 2.89 1.01
N ARG A 227 -4.72 3.02 1.61
CA ARG A 227 -3.63 2.05 1.45
C ARG A 227 -4.11 0.63 1.68
N GLY A 228 -4.67 0.40 2.87
CA GLY A 228 -5.24 -0.89 3.25
C GLY A 228 -6.31 -1.38 2.29
N LEU A 229 -7.11 -0.47 1.72
CA LEU A 229 -8.09 -0.86 0.68
C LEU A 229 -7.40 -1.16 -0.66
N GLY A 230 -6.11 -0.80 -0.75
CA GLY A 230 -5.23 -1.28 -1.83
C GLY A 230 -4.79 -0.25 -2.87
N LEU A 231 -5.08 1.02 -2.61
CA LEU A 231 -4.57 2.12 -3.45
C LEU A 231 -3.68 3.00 -2.59
N SER A 232 -2.50 3.34 -3.10
CA SER A 232 -1.57 4.22 -2.36
C SER A 232 -1.43 5.54 -3.13
N PRO A 233 -1.84 6.67 -2.53
CA PRO A 233 -1.86 7.89 -3.31
C PRO A 233 -0.51 8.23 -3.97
N ASP A 234 -0.60 8.78 -5.19
CA ASP A 234 0.55 9.30 -5.93
C ASP A 234 0.72 10.80 -5.64
N LEU A 235 -0.41 11.49 -5.46
CA LEU A 235 -0.48 12.86 -5.01
C LEU A 235 -1.47 12.90 -3.87
N VAL A 236 -1.12 13.63 -2.82
CA VAL A 236 -2.03 13.90 -1.72
C VAL A 236 -2.36 15.39 -1.83
N VAL A 237 -3.65 15.69 -2.00
CA VAL A 237 -4.11 17.08 -2.14
C VAL A 237 -4.83 17.50 -0.86
N CYS A 238 -4.31 18.52 -0.19
CA CYS A 238 -4.89 18.94 1.08
C CYS A 238 -5.74 20.17 0.91
N ARG A 239 -7.03 20.07 1.27
CA ARG A 239 -7.83 21.28 1.45
C ARG A 239 -7.55 21.83 2.83
N CYS A 240 -7.27 23.13 2.90
CA CYS A 240 -7.11 23.86 4.15
C CYS A 240 -7.31 25.34 3.85
N SER A 241 -7.34 26.17 4.88
CA SER A 241 -7.68 27.60 4.72
C SER A 241 -6.47 28.46 4.38
N ASN A 242 -5.35 28.23 5.04
CA ASN A 242 -4.11 28.91 4.68
C ASN A 242 -3.17 27.88 4.04
N PRO A 243 -2.07 28.35 3.41
CA PRO A 243 -1.11 27.40 2.84
C PRO A 243 -0.31 26.68 3.93
N LEU A 244 0.01 25.42 3.66
CA LEU A 244 0.69 24.56 4.60
C LEU A 244 2.18 24.87 4.68
N ASP A 245 2.76 24.86 5.88
CA ASP A 245 4.23 24.96 6.00
C ASP A 245 4.92 23.76 5.34
N THR A 246 6.19 23.94 4.95
CA THR A 246 6.96 22.87 4.31
C THR A 246 7.04 21.68 5.26
N SER A 247 7.30 21.96 6.53
CA SER A 247 7.35 20.92 7.55
C SER A 247 6.06 20.12 7.64
N VAL A 248 4.92 20.79 7.54
CA VAL A 248 3.63 20.10 7.67
C VAL A 248 3.48 19.14 6.51
N LYS A 249 4.00 19.53 5.35
CA LYS A 249 3.82 18.67 4.20
C LYS A 249 4.89 17.62 4.11
N GLU A 250 6.03 17.85 4.74
CA GLU A 250 7.03 16.80 4.91
C GLU A 250 6.53 15.74 5.87
N LYS A 251 5.66 16.13 6.79
CA LYS A 251 5.07 15.19 7.74
C LYS A 251 4.04 14.30 7.07
N ILE A 252 3.18 14.89 6.26
CA ILE A 252 2.25 14.11 5.45
C ILE A 252 3.06 13.17 4.55
N SER A 253 4.05 13.73 3.87
CA SER A 253 5.00 12.96 3.03
C SER A 253 5.52 11.73 3.75
N MET A 254 6.04 11.94 4.95
CA MET A 254 6.50 10.85 5.79
C MET A 254 5.43 9.76 5.98
N PHE A 255 4.23 10.14 6.38
CA PHE A 255 3.22 9.17 6.83
C PHE A 255 2.52 8.43 5.69
N CYS A 256 1.95 9.19 4.77
CA CYS A 256 1.58 8.66 3.47
C CYS A 256 2.91 8.36 2.82
N HIS A 257 2.91 7.87 1.59
CA HIS A 257 4.18 7.52 1.01
C HIS A 257 4.35 8.26 -0.29
N VAL A 258 4.58 9.56 -0.17
CA VAL A 258 4.89 10.41 -1.31
C VAL A 258 5.98 11.37 -0.89
N GLU A 259 6.71 11.91 -1.87
CA GLU A 259 7.66 12.99 -1.61
C GLU A 259 6.91 14.25 -1.25
N PRO A 260 7.55 15.16 -0.51
CA PRO A 260 6.93 16.44 -0.16
C PRO A 260 6.39 17.22 -1.37
N GLU A 261 7.10 17.12 -2.50
CA GLU A 261 6.70 17.77 -3.76
C GLU A 261 5.34 17.29 -4.25
N GLN A 262 4.93 16.10 -3.81
CA GLN A 262 3.65 15.52 -4.16
C GLN A 262 2.56 15.69 -3.08
N VAL A 263 2.80 16.56 -2.11
CA VAL A 263 1.76 17.00 -1.18
C VAL A 263 1.36 18.40 -1.65
N ILE A 264 0.15 18.51 -2.21
CA ILE A 264 -0.27 19.70 -2.92
C ILE A 264 -1.19 20.48 -2.02
N CYS A 265 -0.96 21.77 -1.92
CA CYS A 265 -1.78 22.61 -1.07
C CYS A 265 -2.86 23.27 -1.92
N VAL A 266 -4.11 23.09 -1.54
CA VAL A 266 -5.23 23.84 -2.15
C VAL A 266 -5.94 24.65 -1.06
N HIS A 267 -5.43 25.86 -0.82
CA HIS A 267 -5.94 26.72 0.25
C HIS A 267 -7.10 27.57 -0.26
N ASP A 268 -7.73 28.28 0.67
CA ASP A 268 -8.85 29.18 0.36
C ASP A 268 -8.47 30.19 -0.71
N VAL A 269 -9.17 30.17 -1.83
CA VAL A 269 -8.90 31.07 -2.94
C VAL A 269 -10.13 31.89 -3.27
N SER A 270 -9.91 33.04 -3.90
CA SER A 270 -10.97 33.99 -4.20
C SER A 270 -12.06 33.41 -5.09
N SER A 271 -11.70 32.47 -5.94
CA SER A 271 -12.64 31.88 -6.90
C SER A 271 -12.22 30.46 -7.19
N ILE A 272 -13.17 29.64 -7.64
CA ILE A 272 -12.82 28.27 -8.05
C ILE A 272 -11.91 28.25 -9.27
N TYR A 273 -11.94 29.31 -10.07
CA TYR A 273 -11.07 29.40 -11.24
C TYR A 273 -9.58 29.61 -10.92
N ARG A 274 -9.28 29.94 -9.67
CA ARG A 274 -7.88 30.07 -9.28
C ARG A 274 -7.26 28.72 -8.91
N VAL A 275 -8.07 27.65 -8.87
CA VAL A 275 -7.61 26.34 -8.39
C VAL A 275 -6.72 25.58 -9.38
N PRO A 276 -7.05 25.62 -10.68
CA PRO A 276 -6.14 25.06 -11.68
C PRO A 276 -4.79 25.79 -11.68
N LEU A 277 -4.83 27.06 -11.34
CA LEU A 277 -3.62 27.86 -11.26
C LEU A 277 -2.81 27.45 -10.03
N LEU A 278 -3.48 27.19 -8.91
CA LEU A 278 -2.84 26.67 -7.71
C LEU A 278 -2.09 25.37 -8.00
N LEU A 279 -2.72 24.51 -8.81
CA LEU A 279 -2.15 23.20 -9.12
C LEU A 279 -0.92 23.33 -9.99
N GLU A 280 -1.01 24.16 -11.02
CA GLU A 280 0.13 24.38 -11.94
C GLU A 280 1.32 24.93 -11.18
N GLU A 281 1.06 25.91 -10.33
CA GLU A 281 2.09 26.54 -9.52
C GLU A 281 2.86 25.54 -8.66
N GLN A 282 2.21 24.47 -8.23
CA GLN A 282 2.87 23.45 -7.45
C GLN A 282 3.26 22.23 -8.26
N GLY A 283 3.52 22.42 -9.56
CA GLY A 283 4.25 21.44 -10.36
C GLY A 283 3.53 20.17 -10.76
N VAL A 284 2.20 20.18 -10.74
CA VAL A 284 1.40 18.99 -11.00
C VAL A 284 1.50 18.52 -12.45
N VAL A 285 1.42 19.46 -13.38
CA VAL A 285 1.49 19.13 -14.79
C VAL A 285 2.78 18.37 -15.08
N ASP A 286 3.89 18.84 -14.53
CA ASP A 286 5.19 18.20 -14.74
C ASP A 286 5.19 16.84 -14.05
N TYR A 287 4.52 16.73 -12.91
CA TYR A 287 4.37 15.46 -12.24
C TYR A 287 3.70 14.43 -13.15
N PHE A 288 2.54 14.78 -13.71
CA PHE A 288 1.81 13.83 -14.55
C PHE A 288 2.56 13.39 -15.81
N LEU A 289 3.37 14.28 -16.38
CA LEU A 289 4.15 13.94 -17.57
C LEU A 289 5.19 12.88 -17.21
N ARG A 290 5.99 13.20 -16.19
CA ARG A 290 6.96 12.28 -15.62
C ARG A 290 6.29 10.98 -15.14
N ARG A 291 5.18 11.11 -14.42
CA ARG A 291 4.55 9.95 -13.75
C ARG A 291 3.80 9.02 -14.70
N LEU A 292 3.09 9.58 -15.65
CA LEU A 292 2.38 8.82 -16.69
C LEU A 292 3.04 8.88 -18.08
N ASP A 293 4.30 9.29 -18.16
CA ASP A 293 5.03 9.36 -19.43
C ASP A 293 4.18 9.89 -20.58
N LEU A 294 3.60 11.07 -20.37
CA LEU A 294 2.82 11.75 -21.40
C LEU A 294 3.74 12.66 -22.21
N PRO A 295 3.37 12.94 -23.47
CA PRO A 295 4.02 14.02 -24.22
C PRO A 295 3.44 15.37 -23.83
N SER B 22 26.42 -1.49 1.02
CA SER B 22 25.43 -1.18 2.08
C SER B 22 24.49 -2.40 2.32
N MET B 23 24.12 -2.61 3.59
CA MET B 23 23.34 -3.76 4.05
C MET B 23 22.07 -4.04 3.27
N LYS B 24 21.77 -5.32 3.10
CA LYS B 24 20.49 -5.78 2.57
C LYS B 24 19.65 -6.37 3.71
N TYR B 25 18.36 -6.09 3.74
CA TYR B 25 17.50 -6.51 4.83
C TYR B 25 16.31 -7.37 4.40
N ILE B 26 16.08 -8.50 5.07
CA ILE B 26 14.81 -9.22 4.97
C ILE B 26 14.13 -9.18 6.33
N LEU B 27 12.92 -8.65 6.36
CA LEU B 27 12.10 -8.61 7.57
C LEU B 27 11.12 -9.75 7.43
N VAL B 28 10.95 -10.52 8.51
CA VAL B 28 9.98 -11.59 8.55
C VAL B 28 8.92 -11.35 9.64
N THR B 29 7.71 -11.02 9.20
CA THR B 29 6.55 -10.75 10.04
C THR B 29 5.55 -11.91 9.98
N GLY B 30 4.67 -12.00 10.98
CA GLY B 30 3.66 -13.05 11.07
C GLY B 30 2.23 -12.52 11.14
N GLY B 31 1.29 -13.31 10.63
CA GLY B 31 -0.13 -12.95 10.58
C GLY B 31 -1.05 -14.04 11.08
N VAL B 32 -2.30 -13.66 11.35
CA VAL B 32 -3.38 -14.58 11.78
C VAL B 32 -3.19 -15.15 13.20
N ILE B 33 -2.20 -16.04 13.36
CA ILE B 33 -1.89 -16.64 14.67
C ILE B 33 -0.40 -16.74 14.96
N SER B 34 -0.11 -17.05 16.22
CA SER B 34 1.23 -17.35 16.71
C SER B 34 1.52 -18.83 16.50
N GLY B 35 2.80 -19.20 16.59
CA GLY B 35 3.22 -20.58 16.36
C GLY B 35 3.06 -20.99 14.91
N ILE B 36 3.13 -19.99 14.03
CA ILE B 36 2.91 -20.14 12.59
C ILE B 36 4.22 -20.60 11.90
N GLY B 37 5.37 -20.27 12.50
CA GLY B 37 6.67 -20.73 12.02
C GLY B 37 7.58 -19.64 11.49
N LYS B 38 7.43 -18.40 11.98
CA LYS B 38 8.38 -17.34 11.65
C LYS B 38 9.80 -17.78 11.95
N GLY B 39 9.98 -18.53 13.03
CA GLY B 39 11.30 -19.02 13.39
C GLY B 39 11.90 -19.86 12.29
N ILE B 40 11.10 -20.77 11.74
CA ILE B 40 11.61 -21.76 10.81
C ILE B 40 11.89 -21.14 9.45
N ILE B 41 11.01 -20.23 9.02
CA ILE B 41 11.23 -19.56 7.75
C ILE B 41 12.40 -18.61 7.88
N ALA B 42 12.52 -17.93 9.02
CA ALA B 42 13.60 -16.97 9.23
C ALA B 42 14.97 -17.64 9.19
N SER B 43 15.08 -18.82 9.83
CA SER B 43 16.31 -19.59 9.81
C SER B 43 16.56 -20.20 8.45
N SER B 44 15.49 -20.70 7.82
CA SER B 44 15.60 -21.30 6.49
C SER B 44 16.12 -20.32 5.46
N VAL B 45 15.60 -19.10 5.50
CA VAL B 45 16.04 -18.02 4.63
C VAL B 45 17.49 -17.67 4.91
N GLY B 46 17.87 -17.67 6.19
CA GLY B 46 19.26 -17.49 6.57
C GLY B 46 20.14 -18.57 5.99
N THR B 47 19.69 -19.82 6.09
CA THR B 47 20.47 -20.97 5.63
C THR B 47 20.57 -20.99 4.11
N ILE B 48 19.45 -20.80 3.40
CA ILE B 48 19.53 -20.81 1.94
C ILE B 48 20.49 -19.72 1.49
N LEU B 49 20.40 -18.54 2.10
CA LEU B 49 21.29 -17.43 1.75
C LEU B 49 22.76 -17.68 2.10
N LYS B 50 23.04 -18.21 3.29
CA LYS B 50 24.41 -18.56 3.67
C LYS B 50 25.04 -19.50 2.64
N SER B 51 24.24 -20.38 2.06
CA SER B 51 24.75 -21.33 1.08
C SER B 51 24.92 -20.73 -0.33
N CYS B 52 25.22 -19.44 -0.43
CA CYS B 52 25.62 -18.85 -1.71
C CYS B 52 26.86 -18.00 -1.51
N GLY B 53 27.63 -18.32 -0.47
CA GLY B 53 28.77 -17.50 -0.09
C GLY B 53 28.35 -16.14 0.41
N LEU B 54 27.09 -16.00 0.79
CA LEU B 54 26.62 -14.76 1.38
C LEU B 54 26.82 -14.90 2.88
N HIS B 55 27.44 -13.90 3.50
CA HIS B 55 27.53 -13.85 4.95
C HIS B 55 26.26 -13.21 5.49
N VAL B 56 25.45 -14.01 6.16
CA VAL B 56 24.13 -13.63 6.63
C VAL B 56 24.19 -13.46 8.15
N THR B 57 23.33 -12.60 8.69
CA THR B 57 23.26 -12.34 10.12
C THR B 57 21.79 -12.26 10.58
N SER B 58 21.55 -12.15 11.89
CA SER B 58 20.19 -12.26 12.45
C SER B 58 19.86 -11.27 13.55
N ILE B 59 18.62 -10.78 13.54
CA ILE B 59 18.07 -10.03 14.65
C ILE B 59 16.75 -10.71 14.97
N LYS B 60 16.52 -10.99 16.24
CA LYS B 60 15.23 -11.46 16.72
C LYS B 60 14.62 -10.32 17.52
N ILE B 61 13.47 -9.80 17.07
CA ILE B 61 12.79 -8.77 17.84
C ILE B 61 11.66 -9.43 18.64
N ASP B 62 11.74 -9.29 19.96
CA ASP B 62 10.74 -9.79 20.87
C ASP B 62 9.93 -8.62 21.41
N PRO B 63 8.73 -8.38 20.88
CA PRO B 63 7.92 -7.27 21.37
C PRO B 63 7.55 -7.28 22.88
N TYR B 64 7.96 -8.31 23.62
CA TYR B 64 7.63 -8.40 25.04
C TYR B 64 8.51 -7.49 25.92
N ILE B 65 7.95 -7.07 27.06
CA ILE B 65 8.51 -6.01 27.92
C ILE B 65 9.82 -6.36 28.60
N ASN B 66 10.17 -7.65 28.60
CA ASN B 66 11.42 -8.12 29.21
C ASN B 66 12.67 -7.43 28.65
N ILE B 67 13.72 -7.37 29.46
CA ILE B 67 15.00 -6.80 29.01
C ILE B 67 16.02 -7.94 28.84
N ASP B 68 15.55 -9.03 28.20
CA ASP B 68 16.31 -10.27 28.05
C ASP B 68 15.48 -11.33 27.34
N ASN B 109 19.33 -9.55 19.32
CA ASN B 109 18.06 -9.67 20.03
C ASN B 109 17.56 -8.37 20.67
N LEU B 110 16.44 -7.83 20.18
CA LEU B 110 15.92 -6.57 20.71
C LEU B 110 14.51 -6.77 21.23
N THR B 111 14.22 -6.17 22.38
CA THR B 111 12.90 -6.24 23.00
C THR B 111 12.28 -4.87 23.21
N THR B 112 10.98 -4.86 23.53
CA THR B 112 10.27 -3.60 23.83
C THR B 112 10.86 -2.94 25.09
N GLY B 113 11.04 -3.72 26.16
CA GLY B 113 11.60 -3.17 27.38
C GLY B 113 12.96 -2.56 27.13
N LYS B 114 13.78 -3.28 26.34
CA LYS B 114 15.10 -2.82 25.99
C LYS B 114 15.07 -1.44 25.32
N ILE B 115 14.33 -1.32 24.23
CA ILE B 115 14.30 -0.07 23.49
C ILE B 115 13.63 1.06 24.26
N TYR B 116 12.65 0.72 25.10
CA TYR B 116 11.95 1.72 25.93
C TYR B 116 12.85 2.25 27.04
N GLN B 117 13.51 1.35 27.75
CA GLN B 117 14.40 1.76 28.83
C GLN B 117 15.53 2.61 28.22
N TYR B 118 15.97 2.24 27.03
CA TYR B 118 16.98 3.03 26.34
C TYR B 118 16.52 4.48 26.21
N VAL B 119 15.38 4.67 25.55
CA VAL B 119 14.77 5.99 25.38
C VAL B 119 14.38 6.65 26.71
N ILE B 120 13.80 5.88 27.62
CA ILE B 120 13.37 6.43 28.93
C ILE B 120 14.50 7.15 29.69
N ASN B 121 15.61 6.46 29.94
CA ASN B 121 16.73 7.10 30.67
C ASN B 121 17.57 8.08 29.81
N LYS B 122 17.47 7.94 28.49
CA LYS B 122 18.02 8.95 27.58
C LYS B 122 17.33 10.29 27.85
N GLU B 123 16.00 10.25 27.93
CA GLU B 123 15.24 11.45 28.26
C GLU B 123 15.55 11.93 29.65
N ARG B 124 15.69 11.00 30.59
CA ARG B 124 15.85 11.35 32.00
C ARG B 124 17.15 12.13 32.24
N LYS B 125 18.14 11.92 31.36
CA LYS B 125 19.37 12.73 31.36
C LYS B 125 19.38 13.76 30.21
N GLY B 126 18.21 14.34 29.91
CA GLY B 126 18.13 15.54 29.07
C GLY B 126 18.65 15.50 27.66
N ASP B 127 18.86 14.31 27.10
CA ASP B 127 19.24 14.16 25.69
C ASP B 127 18.21 14.76 24.74
N TYR B 128 16.94 14.74 25.13
CA TYR B 128 15.86 15.22 24.27
C TYR B 128 15.49 16.71 24.51
N LEU B 129 16.26 17.41 25.33
CA LEU B 129 16.22 18.88 25.44
C LEU B 129 14.86 19.46 25.84
N GLY B 130 14.22 18.85 26.83
CA GLY B 130 13.01 19.40 27.42
C GLY B 130 11.72 19.33 26.63
N LYS B 131 11.71 18.64 25.49
CA LYS B 131 10.51 18.52 24.65
C LYS B 131 9.98 17.09 24.69
N THR B 132 8.70 16.93 24.39
CA THR B 132 8.01 15.71 24.76
C THR B 132 8.40 14.51 23.87
N VAL B 133 8.80 13.41 24.51
CA VAL B 133 9.22 12.18 23.81
C VAL B 133 8.05 11.23 23.53
N GLN B 134 8.01 10.70 22.31
CA GLN B 134 6.86 9.95 21.80
C GLN B 134 7.33 8.70 21.10
N VAL B 135 6.38 7.85 20.70
CA VAL B 135 6.72 6.65 19.95
C VAL B 135 7.33 7.03 18.60
N VAL B 136 6.67 7.93 17.88
CA VAL B 136 7.21 8.45 16.64
C VAL B 136 7.63 9.90 16.91
N PRO B 137 8.89 10.27 16.60
CA PRO B 137 10.03 9.53 16.02
C PRO B 137 10.98 8.88 17.04
N HIS B 138 10.76 9.09 18.33
CA HIS B 138 11.84 8.84 19.29
C HIS B 138 12.11 7.35 19.52
N ILE B 139 11.07 6.59 19.86
CA ILE B 139 11.19 5.13 19.94
C ILE B 139 11.53 4.54 18.56
N THR B 140 10.80 4.97 17.54
CA THR B 140 10.99 4.39 16.21
C THR B 140 12.39 4.61 15.65
N ASP B 141 12.99 5.75 15.97
CA ASP B 141 14.36 6.02 15.57
C ASP B 141 15.31 5.08 16.27
N ALA B 142 15.12 4.94 17.58
CA ALA B 142 15.91 4.03 18.39
C ALA B 142 15.95 2.65 17.73
N ILE B 143 14.78 2.11 17.42
CA ILE B 143 14.64 0.80 16.80
C ILE B 143 15.40 0.73 15.48
N GLN B 144 15.27 1.76 14.66
CA GLN B 144 15.91 1.78 13.35
C GLN B 144 17.43 1.86 13.48
N GLU B 145 17.91 2.63 14.45
CA GLU B 145 19.35 2.76 14.65
C GLU B 145 19.91 1.46 15.21
N TRP B 146 19.16 0.85 16.12
CA TRP B 146 19.57 -0.40 16.73
C TRP B 146 19.76 -1.47 15.67
N VAL B 147 18.78 -1.57 14.77
CA VAL B 147 18.82 -2.53 13.67
C VAL B 147 20.12 -2.38 12.86
N MET B 148 20.46 -1.15 12.49
CA MET B 148 21.64 -0.91 11.65
C MET B 148 22.95 -1.27 12.35
N ARG B 149 23.06 -0.93 13.64
CA ARG B 149 24.22 -1.33 14.43
C ARG B 149 24.46 -2.85 14.42
N GLN B 150 23.38 -3.62 14.48
CA GLN B 150 23.48 -5.09 14.54
C GLN B 150 23.80 -5.71 13.20
N ALA B 151 23.14 -5.24 12.15
CA ALA B 151 23.39 -5.70 10.79
C ALA B 151 24.87 -5.73 10.42
N LEU B 152 25.70 -4.99 11.18
CA LEU B 152 27.12 -4.88 10.90
C LEU B 152 28.00 -5.89 11.66
N ILE B 153 27.43 -6.58 12.64
CA ILE B 153 28.23 -7.42 13.54
C ILE B 153 28.41 -8.87 13.02
N PRO B 154 29.69 -9.28 12.76
CA PRO B 154 29.97 -10.62 12.24
C PRO B 154 29.78 -11.70 13.31
N GLY B 159 37.64 -10.02 9.18
CA GLY B 159 36.42 -9.59 9.84
C GLY B 159 35.44 -8.95 8.88
N LEU B 160 34.93 -9.76 7.95
CA LEU B 160 34.10 -9.27 6.84
C LEU B 160 32.67 -9.02 7.35
N GLU B 161 32.09 -7.88 6.97
CA GLU B 161 30.72 -7.53 7.42
C GLU B 161 29.66 -8.40 6.76
N PRO B 162 28.56 -8.67 7.48
CA PRO B 162 27.40 -9.34 6.89
C PRO B 162 26.87 -8.60 5.68
N GLN B 163 26.51 -9.33 4.64
CA GLN B 163 25.96 -8.72 3.42
C GLN B 163 24.43 -8.62 3.48
N VAL B 164 23.78 -9.65 4.01
CA VAL B 164 22.33 -9.63 4.20
C VAL B 164 21.97 -9.86 5.66
N CYS B 165 20.90 -9.22 6.12
CA CYS B 165 20.45 -9.35 7.50
C CYS B 165 18.98 -9.73 7.51
N VAL B 166 18.65 -10.76 8.29
CA VAL B 166 17.28 -11.25 8.40
C VAL B 166 16.72 -10.86 9.76
N ILE B 167 15.63 -10.08 9.75
CA ILE B 167 14.98 -9.61 10.97
C ILE B 167 13.72 -10.45 11.24
N GLU B 168 13.75 -11.30 12.26
CA GLU B 168 12.53 -11.98 12.69
C GLU B 168 11.76 -11.03 13.60
N LEU B 169 10.58 -10.59 13.16
CA LEU B 169 9.75 -9.73 14.00
C LEU B 169 8.76 -10.65 14.68
N GLY B 170 8.90 -10.77 15.99
CA GLY B 170 8.02 -11.62 16.81
C GLY B 170 6.67 -10.98 17.03
N GLY B 171 5.74 -11.77 17.56
CA GLY B 171 4.36 -11.34 17.73
C GLY B 171 3.60 -11.59 16.46
N THR B 172 2.38 -11.06 16.39
CA THR B 172 1.58 -11.14 15.17
C THR B 172 1.15 -9.74 14.75
N VAL B 173 1.16 -9.49 13.45
CA VAL B 173 0.70 -8.22 12.91
C VAL B 173 -0.72 -7.94 13.43
N GLY B 174 -0.98 -6.74 13.90
CA GLY B 174 -2.26 -6.41 14.54
C GLY B 174 -2.12 -6.28 16.04
N ASP B 175 -1.25 -7.07 16.66
CA ASP B 175 -0.89 -6.91 18.06
C ASP B 175 -0.50 -5.47 18.39
N ILE B 176 -0.85 -5.05 19.60
CA ILE B 176 -0.51 -3.73 20.12
C ILE B 176 1.01 -3.63 20.38
N GLU B 177 1.63 -4.73 20.82
CA GLU B 177 3.06 -4.72 21.13
C GLU B 177 3.96 -4.50 19.92
N SER B 178 3.52 -4.93 18.76
CA SER B 178 4.35 -4.83 17.55
C SER B 178 4.11 -3.53 16.76
N MET B 179 3.15 -2.70 17.20
CA MET B 179 2.84 -1.47 16.45
C MET B 179 4.08 -0.56 16.28
N PRO B 180 4.87 -0.36 17.35
CA PRO B 180 6.08 0.46 17.23
C PRO B 180 7.07 -0.13 16.25
N PHE B 181 7.17 -1.45 16.20
CA PHE B 181 8.16 -2.11 15.38
C PHE B 181 7.76 -2.10 13.91
N ILE B 182 6.48 -2.35 13.64
CA ILE B 182 5.97 -2.29 12.26
C ILE B 182 6.07 -0.86 11.69
N GLU B 183 5.90 0.16 12.54
CA GLU B 183 6.05 1.57 12.16
C GLU B 183 7.51 1.94 11.93
N ALA B 184 8.40 1.36 12.73
CA ALA B 184 9.83 1.59 12.57
C ALA B 184 10.29 1.14 11.19
N PHE B 185 9.78 0.00 10.74
CA PHE B 185 10.22 -0.57 9.48
C PHE B 185 9.50 0.06 8.29
N ARG B 186 8.25 0.47 8.50
CA ARG B 186 7.56 1.27 7.50
C ARG B 186 8.46 2.45 7.14
N GLN B 187 8.97 3.16 8.14
CA GLN B 187 9.89 4.30 7.93
C GLN B 187 11.23 3.88 7.33
N PHE B 188 11.70 2.71 7.74
CA PHE B 188 13.05 2.20 7.41
C PHE B 188 13.20 1.79 5.94
N GLN B 189 12.16 1.22 5.34
CA GLN B 189 12.19 0.82 3.94
C GLN B 189 12.52 2.01 3.04
N PHE B 190 12.08 3.19 3.46
CA PHE B 190 12.31 4.43 2.74
C PHE B 190 13.67 5.04 3.03
N LYS B 191 14.23 4.72 4.19
CA LYS B 191 15.55 5.21 4.61
C LYS B 191 16.67 4.52 3.86
N VAL B 192 16.72 3.20 3.96
CA VAL B 192 17.60 2.39 3.13
C VAL B 192 16.92 2.42 1.77
N LYS B 193 17.62 2.00 0.70
CA LYS B 193 16.99 2.00 -0.63
C LYS B 193 15.96 0.87 -0.75
N ARG B 194 15.28 0.77 -1.89
CA ARG B 194 14.24 -0.26 -2.06
C ARG B 194 14.92 -1.58 -2.34
N GLU B 195 15.97 -1.51 -3.16
CA GLU B 195 16.78 -2.68 -3.48
C GLU B 195 17.56 -3.25 -2.28
N ASN B 196 17.35 -2.68 -1.09
CA ASN B 196 18.03 -3.14 0.12
C ASN B 196 17.07 -3.64 1.22
N PHE B 197 15.76 -3.60 0.98
CA PHE B 197 14.77 -3.97 2.00
C PHE B 197 13.66 -4.90 1.48
N CYS B 198 13.29 -5.87 2.30
CA CYS B 198 12.32 -6.92 1.95
C CYS B 198 11.40 -7.21 3.10
N ASN B 199 10.24 -7.78 2.78
CA ASN B 199 9.23 -8.07 3.75
C ASN B 199 8.62 -9.40 3.34
N ILE B 200 8.78 -10.39 4.21
CA ILE B 200 8.19 -11.70 4.05
C ILE B 200 7.09 -11.86 5.09
N HIS B 201 5.88 -12.12 4.65
CA HIS B 201 4.78 -12.26 5.58
C HIS B 201 4.33 -13.71 5.63
N VAL B 202 4.35 -14.28 6.82
CA VAL B 202 3.97 -15.66 7.05
C VAL B 202 2.57 -15.70 7.65
N SER B 203 1.66 -16.44 7.02
CA SER B 203 0.24 -16.40 7.36
C SER B 203 -0.32 -17.80 7.34
N LEU B 204 -1.48 -17.98 7.97
CA LEU B 204 -2.17 -19.27 8.00
C LEU B 204 -3.21 -19.37 6.89
N VAL B 205 -3.10 -20.42 6.09
CA VAL B 205 -4.13 -20.83 5.16
C VAL B 205 -4.76 -22.05 5.79
N PRO B 206 -5.85 -21.86 6.54
CA PRO B 206 -6.54 -23.03 7.11
C PRO B 206 -7.21 -23.90 6.07
N GLN B 207 -7.57 -25.12 6.49
CA GLN B 207 -8.33 -26.05 5.67
C GLN B 207 -8.93 -27.13 6.54
N PRO B 208 -10.21 -27.00 6.93
CA PRO B 208 -10.89 -28.17 7.50
C PRO B 208 -11.43 -29.07 6.39
N SER B 209 -11.19 -30.38 6.48
CA SER B 209 -11.61 -31.31 5.43
C SER B 209 -13.14 -31.41 5.38
N GLY B 212 -13.26 -30.50 1.16
CA GLY B 212 -12.56 -29.55 2.02
C GLY B 212 -11.59 -28.67 1.26
N GLU B 213 -11.81 -27.36 1.30
CA GLU B 213 -11.02 -26.39 0.51
C GLU B 213 -10.15 -25.52 1.39
N GLN B 214 -9.06 -25.03 0.79
CA GLN B 214 -8.09 -24.20 1.50
C GLN B 214 -8.61 -22.77 1.53
N LYS B 215 -8.56 -22.16 2.72
CA LYS B 215 -9.22 -20.89 2.99
C LYS B 215 -8.20 -19.72 3.01
N THR B 216 -8.45 -18.69 2.21
CA THR B 216 -7.48 -17.62 1.97
C THR B 216 -7.74 -16.34 2.74
N LYS B 217 -8.99 -16.09 3.15
CA LYS B 217 -9.37 -14.82 3.80
C LYS B 217 -8.48 -14.36 4.98
N PRO B 218 -8.17 -15.27 5.93
CA PRO B 218 -7.25 -14.88 6.99
C PRO B 218 -5.99 -14.19 6.47
N THR B 219 -5.42 -14.70 5.38
CA THR B 219 -4.23 -14.11 4.78
C THR B 219 -4.55 -12.81 4.05
N GLN B 220 -5.68 -12.76 3.36
CA GLN B 220 -6.13 -11.53 2.74
C GLN B 220 -6.14 -10.44 3.81
N ASN B 221 -6.92 -10.66 4.87
CA ASN B 221 -7.08 -9.70 5.95
C ASN B 221 -5.77 -9.34 6.66
N SER B 222 -4.90 -10.32 6.80
CA SER B 222 -3.61 -10.12 7.44
C SER B 222 -2.74 -9.24 6.57
N VAL B 223 -2.67 -9.57 5.28
CA VAL B 223 -1.91 -8.77 4.33
C VAL B 223 -2.56 -7.37 4.19
N ARG B 224 -3.88 -7.33 4.20
CA ARG B 224 -4.59 -6.05 4.15
C ARG B 224 -4.20 -5.16 5.32
N GLU B 225 -4.07 -5.76 6.49
CA GLU B 225 -3.77 -5.04 7.73
C GLU B 225 -2.36 -4.46 7.63
N LEU B 226 -1.41 -5.32 7.30
CA LEU B 226 -0.02 -4.95 7.10
C LEU B 226 0.17 -3.86 6.04
N ARG B 227 -0.59 -3.91 4.94
CA ARG B 227 -0.55 -2.85 3.92
C ARG B 227 -0.93 -1.47 4.48
N GLY B 228 -2.01 -1.45 5.27
CA GLY B 228 -2.46 -0.23 5.91
C GLY B 228 -1.40 0.28 6.86
N LEU B 229 -0.81 -0.64 7.64
CA LEU B 229 0.27 -0.28 8.57
C LEU B 229 1.59 0.09 7.87
N GLY B 230 1.65 -0.12 6.55
CA GLY B 230 2.66 0.52 5.71
C GLY B 230 3.69 -0.37 5.06
N LEU B 231 3.56 -1.69 5.21
CA LEU B 231 4.45 -2.64 4.57
C LEU B 231 3.67 -3.48 3.59
N SER B 232 4.20 -3.68 2.40
CA SER B 232 3.60 -4.55 1.41
C SER B 232 4.51 -5.77 1.27
N PRO B 233 3.94 -6.98 1.41
CA PRO B 233 4.78 -8.16 1.42
C PRO B 233 5.34 -8.46 0.05
N ASP B 234 6.59 -8.91 0.00
CA ASP B 234 7.27 -9.19 -1.27
C ASP B 234 7.17 -10.67 -1.66
N LEU B 235 7.19 -11.54 -0.65
CA LEU B 235 6.68 -12.90 -0.77
C LEU B 235 5.63 -13.10 0.33
N VAL B 236 4.66 -13.96 0.09
CA VAL B 236 3.66 -14.31 1.11
C VAL B 236 3.80 -15.81 1.37
N VAL B 237 4.45 -16.17 2.46
CA VAL B 237 4.70 -17.57 2.75
C VAL B 237 3.51 -18.09 3.55
N CYS B 238 2.86 -19.15 3.05
CA CYS B 238 1.62 -19.66 3.61
C CYS B 238 1.83 -20.98 4.29
N ARG B 239 1.38 -21.11 5.54
CA ARG B 239 1.45 -22.40 6.24
C ARG B 239 0.23 -23.24 5.91
N CYS B 240 0.46 -24.29 5.13
CA CYS B 240 -0.57 -25.23 4.73
C CYS B 240 -0.38 -26.54 5.50
N SER B 241 -1.29 -27.47 5.30
CA SER B 241 -1.09 -28.86 5.67
C SER B 241 -0.78 -29.66 4.41
N ASN B 242 -1.61 -29.47 3.39
CA ASN B 242 -1.34 -30.00 2.07
C ASN B 242 -0.95 -28.83 1.19
N PRO B 243 -0.06 -29.07 0.21
CA PRO B 243 0.36 -27.97 -0.70
C PRO B 243 -0.78 -27.09 -1.23
N LEU B 244 -0.49 -25.81 -1.45
CA LEU B 244 -1.47 -24.89 -2.02
C LEU B 244 -1.73 -25.22 -3.47
N ASP B 245 -3.00 -25.31 -3.83
CA ASP B 245 -3.40 -25.51 -5.21
C ASP B 245 -3.05 -24.24 -5.97
N THR B 246 -2.71 -24.37 -7.25
CA THR B 246 -2.39 -23.22 -8.12
C THR B 246 -3.48 -22.15 -8.04
N SER B 247 -4.72 -22.56 -8.23
CA SER B 247 -5.87 -21.68 -8.14
C SER B 247 -5.92 -20.89 -6.83
N VAL B 248 -5.56 -21.54 -5.72
CA VAL B 248 -5.62 -20.91 -4.40
C VAL B 248 -4.54 -19.86 -4.20
N LYS B 249 -3.33 -20.14 -4.68
CA LYS B 249 -2.27 -19.12 -4.58
C LYS B 249 -2.43 -18.07 -5.69
N GLU B 250 -3.05 -18.44 -6.80
CA GLU B 250 -3.48 -17.45 -7.80
C GLU B 250 -4.52 -16.49 -7.19
N LYS B 251 -5.36 -16.99 -6.29
CA LYS B 251 -6.31 -16.13 -5.58
C LYS B 251 -5.59 -15.25 -4.55
N ILE B 252 -4.64 -15.82 -3.81
CA ILE B 252 -3.81 -15.05 -2.87
C ILE B 252 -3.07 -13.95 -3.62
N SER B 253 -2.60 -14.25 -4.82
CA SER B 253 -1.96 -13.27 -5.68
C SER B 253 -2.93 -12.11 -5.98
N MET B 254 -4.11 -12.45 -6.50
CA MET B 254 -5.13 -11.43 -6.84
C MET B 254 -5.30 -10.38 -5.75
N PHE B 255 -5.33 -10.79 -4.49
CA PHE B 255 -5.64 -9.88 -3.39
C PHE B 255 -4.42 -9.34 -2.62
N CYS B 256 -3.25 -9.97 -2.72
CA CYS B 256 -2.06 -9.52 -1.97
C CYS B 256 -1.04 -8.75 -2.79
N HIS B 257 -1.31 -8.56 -4.07
CA HIS B 257 -0.51 -7.69 -4.94
C HIS B 257 0.73 -8.37 -5.52
N VAL B 258 1.37 -9.27 -4.78
CA VAL B 258 2.42 -10.10 -5.35
C VAL B 258 1.93 -10.92 -6.54
N GLU B 259 2.90 -11.42 -7.31
CA GLU B 259 2.65 -12.31 -8.47
C GLU B 259 2.57 -13.73 -7.92
N PRO B 260 1.93 -14.65 -8.65
CA PRO B 260 1.73 -16.00 -8.09
C PRO B 260 2.99 -16.71 -7.61
N GLU B 261 4.11 -16.53 -8.32
CA GLU B 261 5.39 -17.15 -7.92
C GLU B 261 5.93 -16.65 -6.58
N GLN B 262 5.46 -15.49 -6.16
CA GLN B 262 5.87 -14.90 -4.89
C GLN B 262 4.96 -15.32 -3.74
N VAL B 263 4.01 -16.22 -4.01
CA VAL B 263 3.26 -16.89 -2.96
C VAL B 263 3.89 -18.26 -2.78
N ILE B 264 4.38 -18.51 -1.57
CA ILE B 264 5.11 -19.75 -1.26
C ILE B 264 4.30 -20.55 -0.28
N CYS B 265 4.08 -21.85 -0.55
CA CYS B 265 3.47 -22.73 0.44
C CYS B 265 4.54 -23.53 1.11
N VAL B 266 4.64 -23.41 2.43
CA VAL B 266 5.42 -24.33 3.22
C VAL B 266 4.42 -25.18 3.98
N HIS B 267 4.15 -26.35 3.43
CA HIS B 267 3.16 -27.27 3.99
C HIS B 267 3.79 -28.10 5.09
N ASP B 268 2.98 -28.92 5.75
CA ASP B 268 3.44 -29.82 6.81
C ASP B 268 4.40 -30.88 6.28
N VAL B 269 5.69 -30.55 6.33
CA VAL B 269 6.74 -31.51 6.03
C VAL B 269 7.07 -32.29 7.29
N SER B 270 7.42 -33.56 7.11
CA SER B 270 7.71 -34.45 8.22
C SER B 270 8.98 -34.09 9.02
N SER B 271 9.70 -33.05 8.60
CA SER B 271 10.91 -32.61 9.29
C SER B 271 11.29 -31.20 8.87
N ILE B 272 11.95 -30.46 9.75
CA ILE B 272 12.21 -29.04 9.48
C ILE B 272 13.39 -28.79 8.53
N TYR B 273 14.19 -29.81 8.23
CA TYR B 273 15.29 -29.63 7.27
C TYR B 273 14.81 -29.57 5.83
N ARG B 274 13.54 -29.90 5.61
CA ARG B 274 12.94 -29.80 4.29
C ARG B 274 12.57 -28.37 3.94
N VAL B 275 12.19 -27.58 4.94
CA VAL B 275 11.70 -26.22 4.68
C VAL B 275 12.65 -25.42 3.80
N PRO B 276 13.97 -25.45 4.08
CA PRO B 276 14.94 -24.86 3.16
C PRO B 276 14.86 -25.37 1.72
N LEU B 277 14.73 -26.68 1.55
CA LEU B 277 14.59 -27.25 0.21
C LEU B 277 13.23 -26.89 -0.39
N LEU B 278 12.22 -26.83 0.46
CA LEU B 278 10.87 -26.47 0.05
C LEU B 278 10.84 -25.00 -0.44
N LEU B 279 11.58 -24.14 0.26
CA LEU B 279 11.77 -22.74 -0.15
C LEU B 279 12.62 -22.62 -1.41
N GLU B 280 13.76 -23.32 -1.46
CA GLU B 280 14.68 -23.26 -2.60
C GLU B 280 13.98 -23.60 -3.91
N GLU B 281 13.21 -24.67 -3.91
CA GLU B 281 12.63 -25.21 -5.15
C GLU B 281 11.42 -24.41 -5.66
N GLN B 282 10.79 -23.67 -4.76
CA GLN B 282 9.79 -22.67 -5.16
C GLN B 282 10.46 -21.35 -5.58
N GLY B 283 11.79 -21.36 -5.76
CA GLY B 283 12.51 -20.27 -6.41
C GLY B 283 12.88 -19.11 -5.51
N VAL B 284 12.86 -19.34 -4.20
CA VAL B 284 13.12 -18.29 -3.21
C VAL B 284 14.59 -17.85 -3.21
N VAL B 285 15.49 -18.78 -3.52
CA VAL B 285 16.88 -18.43 -3.78
C VAL B 285 16.95 -17.37 -4.89
N ASP B 286 16.40 -17.72 -6.05
CA ASP B 286 16.54 -16.90 -7.26
C ASP B 286 15.88 -15.55 -7.06
N TYR B 287 14.69 -15.56 -6.47
CA TYR B 287 13.95 -14.32 -6.24
C TYR B 287 14.78 -13.35 -5.42
N PHE B 288 15.35 -13.82 -4.32
CA PHE B 288 16.07 -12.93 -3.42
C PHE B 288 17.23 -12.26 -4.10
N LEU B 289 17.95 -13.01 -4.93
CA LEU B 289 19.08 -12.42 -5.64
C LEU B 289 18.62 -11.26 -6.50
N ARG B 290 17.54 -11.48 -7.23
CA ARG B 290 16.97 -10.48 -8.13
C ARG B 290 16.36 -9.30 -7.37
N ARG B 291 15.59 -9.61 -6.33
CA ARG B 291 14.93 -8.60 -5.52
C ARG B 291 15.88 -7.72 -4.73
N LEU B 292 16.98 -8.29 -4.23
CA LEU B 292 17.95 -7.56 -3.39
C LEU B 292 19.25 -7.18 -4.11
N ASP B 293 19.48 -7.77 -5.29
CA ASP B 293 20.74 -7.59 -6.01
C ASP B 293 21.88 -8.22 -5.19
N LEU B 294 22.17 -9.49 -5.45
CA LEU B 294 23.10 -10.22 -4.58
C LEU B 294 24.04 -11.15 -5.35
N PRO B 295 25.32 -11.17 -4.96
CA PRO B 295 26.23 -12.13 -5.58
C PRO B 295 25.89 -13.57 -5.21
#